data_3B7S
#
_entry.id   3B7S
#
_cell.length_a   78.508
_cell.length_b   87.351
_cell.length_c   99.769
_cell.angle_alpha   90.000
_cell.angle_beta   90.000
_cell.angle_gamma   90.000
#
_symmetry.space_group_name_H-M   'P 21 21 21'
#
loop_
_entity.id
_entity.type
_entity.pdbx_description
1 polymer 'Leukotriene A-4 hydrolase'
2 polymer 'RSR peptide'
3 non-polymer 'ZINC ION'
4 non-polymer 'YTTERBIUM (III) ION'
5 non-polymer 'ACETIC ACID'
6 non-polymer GLYCEROL
7 water water
#
loop_
_entity_poly.entity_id
_entity_poly.type
_entity_poly.pdbx_seq_one_letter_code
_entity_poly.pdbx_strand_id
1 'polypeptide(L)'
;HHHHHHPEIVDTCSLASPASVCRTKHLHLRCSVDFTRRTLTGTAALTVQSQEDNLRSLVLDTKDLTIEKVVINGQEVKYA
LGERQSYKGSPMEISLPIALSKNQEIVIEISFETSPKSSALQWLTPEQTSGKEHPYLFSQCQAIHCRAILPCQDTPSVKL
TYTAEVSVPKELVALMSAIRDGETPDPEDPSRKIYKFIQKVPIPCYLIALVVGALESRQIGPRTLVWSEKEQVEKSAYEF
SETESMLKIAEDLGGPYVWGQYDLLVLPPSFPYGGMENPCLTFVTPTLLAGDKSLSNVIAHQISHSWTGNLVTNKTWDHF
WLNEGHTVYLERHICGRLFGEKFRHFNALGGWGELQNSVKTFGETHPFTKLVVDLTDIDPDVAYSSVPYEKGFALLFYLE
QLLGGPEIFLGFLKAYVEKFSYKSITTDDWKDFLYSYFKDKVDVLNQVDWNAWLYSPGLPPIKPNYDMTLTNACIALSQR
WITAKEDDLNSFNATDLKDLSSHQLNEFLAQTLQRAPLPLGHIKRMQEVYNFNAINNSEIRFRWLRLCIQSKWEDAIPLA
LKMATEQGRMKFTRPLFKDLAAFDKSHDQAVRTYQEHKASMHPVTAMLVGKDLKVD
;
A
2 'polypeptide(L)' RSR B
#
# COMPACT_ATOMS: atom_id res chain seq x y z
N PRO A 7 18.97 5.51 24.77
CA PRO A 7 17.71 4.79 24.61
C PRO A 7 17.11 4.98 23.23
N GLU A 8 17.90 4.67 22.20
CA GLU A 8 17.46 4.79 20.82
C GLU A 8 17.01 3.45 20.26
N ILE A 9 16.17 3.50 19.23
CA ILE A 9 15.65 2.28 18.60
C ILE A 9 16.33 2.03 17.26
N VAL A 10 16.45 0.76 16.89
CA VAL A 10 17.07 0.40 15.61
C VAL A 10 16.25 0.10 14.37
N ASP A 11 16.48 0.84 13.28
CA ASP A 11 15.83 0.62 11.98
C ASP A 11 16.77 -0.24 11.10
N THR A 12 16.45 -1.55 11.18
CA THR A 12 17.32 -2.51 10.52
C THR A 12 17.07 -2.58 9.00
N CYS A 13 16.18 -1.80 8.45
CA CYS A 13 16.01 -1.68 7.04
C CYS A 13 16.71 -0.45 6.44
N SER A 14 17.35 0.38 7.25
CA SER A 14 18.05 1.54 6.72
C SER A 14 19.52 1.50 7.07
N LEU A 15 20.35 1.99 6.15
CA LEU A 15 21.82 2.09 6.32
C LEU A 15 22.25 3.51 6.70
N ALA A 16 21.24 4.44 6.75
CA ALA A 16 21.57 5.81 7.08
C ALA A 16 21.83 6.05 8.56
N SER A 17 22.47 7.18 8.88
CA SER A 17 22.54 7.66 10.25
C SER A 17 21.14 7.71 10.87
N PRO A 18 20.98 7.24 12.09
CA PRO A 18 19.67 7.23 12.76
C PRO A 18 19.33 8.61 13.30
N ALA A 19 18.08 8.78 13.68
CA ALA A 19 17.48 10.01 14.18
C ALA A 19 18.21 10.47 15.45
N SER A 20 18.89 9.58 16.14
CA SER A 20 19.65 10.00 17.33
C SER A 20 20.95 10.73 17.00
N VAL A 21 21.40 10.58 15.77
CA VAL A 21 22.63 11.20 15.32
C VAL A 21 22.35 12.52 14.58
N CYS A 22 21.40 12.45 13.64
CA CYS A 22 20.94 13.58 12.88
C CYS A 22 19.54 13.48 12.32
N ARG A 23 18.89 14.62 12.02
CA ARG A 23 17.53 14.51 11.50
C ARG A 23 17.35 15.46 10.33
N THR A 24 16.81 14.95 9.23
CA THR A 24 16.44 15.78 8.07
C THR A 24 15.17 16.54 8.44
N LYS A 25 15.18 17.84 8.28
CA LYS A 25 14.01 18.67 8.55
C LYS A 25 13.23 19.09 7.29
N HIS A 26 13.96 19.15 6.15
CA HIS A 26 13.34 19.62 4.91
C HIS A 26 14.08 19.08 3.70
N LEU A 27 13.36 18.83 2.62
CA LEU A 27 13.91 18.49 1.30
C LEU A 27 13.42 19.55 0.30
N HIS A 28 14.41 20.09 -0.43
CA HIS A 28 14.09 20.85 -1.66
C HIS A 28 14.61 20.08 -2.86
N LEU A 29 13.63 19.56 -3.62
CA LEU A 29 13.99 18.73 -4.81
C LEU A 29 13.82 19.51 -6.10
N ARG A 30 14.89 19.60 -6.87
CA ARG A 30 14.80 20.24 -8.18
C ARG A 30 15.20 19.18 -9.20
N CYS A 31 14.28 18.77 -10.07
CA CYS A 31 14.63 17.70 -10.99
C CYS A 31 13.88 17.83 -12.32
N SER A 32 14.41 17.01 -13.23
CA SER A 32 13.90 16.89 -14.60
C SER A 32 13.73 15.42 -14.96
N VAL A 33 12.60 15.14 -15.58
CA VAL A 33 12.22 13.78 -15.92
C VAL A 33 12.56 13.46 -17.37
N ASP A 34 13.53 12.60 -17.63
CA ASP A 34 14.00 12.37 -18.99
C ASP A 34 13.43 11.07 -19.52
N PHE A 35 12.38 11.13 -20.31
CA PHE A 35 11.78 9.88 -20.82
C PHE A 35 12.68 9.23 -21.88
N THR A 36 13.61 9.99 -22.50
CA THR A 36 14.41 9.27 -23.49
C THR A 36 15.43 8.37 -22.82
N ARG A 37 15.86 8.79 -21.63
CA ARG A 37 16.89 8.04 -20.90
C ARG A 37 16.25 7.22 -19.76
N ARG A 38 14.96 7.41 -19.48
CA ARG A 38 14.36 6.81 -18.26
C ARG A 38 15.17 7.12 -16.99
N THR A 39 15.51 8.42 -16.87
CA THR A 39 16.19 8.87 -15.67
C THR A 39 15.49 10.14 -15.12
N LEU A 40 15.53 10.28 -13.78
CA LEU A 40 15.30 11.53 -13.08
C LEU A 40 16.66 12.09 -12.69
N THR A 41 16.97 13.30 -13.08
CA THR A 41 18.21 14.02 -12.81
C THR A 41 17.91 15.32 -12.05
N GLY A 42 18.81 15.63 -11.08
CA GLY A 42 18.57 16.87 -10.36
C GLY A 42 19.43 17.06 -9.13
N THR A 43 18.93 17.88 -8.22
CA THR A 43 19.53 18.13 -6.94
C THR A 43 18.50 17.89 -5.83
N ALA A 44 18.96 17.25 -4.78
CA ALA A 44 18.25 17.09 -3.48
C ALA A 44 19.00 17.93 -2.44
N ALA A 45 18.34 19.00 -1.98
CA ALA A 45 18.92 19.88 -0.95
C ALA A 45 18.28 19.46 0.37
N LEU A 46 19.01 18.75 1.25
CA LEU A 46 18.52 18.34 2.54
C LEU A 46 18.98 19.30 3.65
N THR A 47 18.01 19.89 4.36
CA THR A 47 18.25 20.64 5.59
C THR A 47 18.32 19.63 6.74
N VAL A 48 19.49 19.52 7.35
CA VAL A 48 19.83 18.52 8.34
C VAL A 48 20.20 19.15 9.66
N GLN A 49 19.59 18.61 10.74
CA GLN A 49 19.89 19.10 12.10
C GLN A 49 20.75 18.13 12.89
N SER A 50 21.93 18.50 13.37
CA SER A 50 22.69 17.59 14.18
C SER A 50 22.01 17.28 15.50
N GLN A 51 22.04 16.04 15.97
CA GLN A 51 21.52 15.67 17.31
C GLN A 51 22.71 15.35 18.20
N GLU A 52 23.94 15.62 17.76
CA GLU A 52 25.13 15.30 18.52
C GLU A 52 26.14 16.45 18.59
N ASP A 53 26.94 16.50 19.64
CA ASP A 53 28.12 17.37 19.64
C ASP A 53 29.17 16.88 18.65
N ASN A 54 29.89 17.84 18.07
CA ASN A 54 31.03 17.55 17.23
C ASN A 54 30.76 16.58 16.07
N LEU A 55 29.67 16.75 15.38
CA LEU A 55 29.28 15.85 14.30
C LEU A 55 30.10 16.14 13.06
N ARG A 56 30.82 15.12 12.58
CA ARG A 56 31.64 15.43 11.41
C ARG A 56 31.38 14.60 10.17
N SER A 57 30.45 13.68 10.18
CA SER A 57 30.07 12.90 9.02
C SER A 57 28.66 12.38 9.24
N LEU A 58 28.05 11.99 8.13
CA LEU A 58 26.77 11.29 8.21
C LEU A 58 26.59 10.42 7.00
N VAL A 59 25.63 9.52 7.09
CA VAL A 59 25.39 8.50 6.09
C VAL A 59 23.93 8.57 5.67
N LEU A 60 23.75 8.51 4.34
CA LEU A 60 22.42 8.43 3.73
C LEU A 60 22.26 7.10 2.99
N ASP A 61 20.99 6.70 2.87
CA ASP A 61 20.58 5.59 2.01
C ASP A 61 20.54 6.05 0.53
N THR A 62 20.95 5.16 -0.37
CA THR A 62 20.82 5.28 -1.80
C THR A 62 20.59 3.87 -2.38
N LYS A 63 20.00 3.80 -3.55
CA LYS A 63 19.84 2.52 -4.26
C LYS A 63 19.88 2.78 -5.76
N ASP A 64 20.92 2.35 -6.46
CA ASP A 64 21.10 2.52 -7.90
C ASP A 64 21.04 3.98 -8.27
N LEU A 65 21.63 4.84 -7.43
CA LEU A 65 21.81 6.24 -7.77
C LEU A 65 23.24 6.58 -8.20
N THR A 66 23.32 7.44 -9.18
CA THR A 66 24.62 7.97 -9.61
C THR A 66 24.81 9.34 -8.96
N ILE A 67 25.89 9.49 -8.18
CA ILE A 67 26.16 10.76 -7.53
C ILE A 67 27.24 11.53 -8.28
N GLU A 68 26.89 12.77 -8.62
CA GLU A 68 27.80 13.64 -9.36
C GLU A 68 28.68 14.45 -8.41
N LYS A 69 28.08 15.02 -7.37
CA LYS A 69 28.79 15.80 -6.37
C LYS A 69 27.86 16.13 -5.20
N VAL A 70 28.48 16.61 -4.13
CA VAL A 70 27.85 17.03 -2.89
C VAL A 70 28.39 18.41 -2.55
N VAL A 71 27.50 19.38 -2.35
CA VAL A 71 27.94 20.74 -2.04
C VAL A 71 27.37 21.24 -0.72
N ILE A 72 28.28 21.82 0.05
CA ILE A 72 27.91 22.44 1.32
C ILE A 72 28.64 23.77 1.40
N ASN A 73 27.96 24.84 1.79
CA ASN A 73 28.68 26.12 1.93
C ASN A 73 29.33 26.51 0.60
N GLY A 74 28.63 26.16 -0.48
CA GLY A 74 29.08 26.55 -1.78
C GLY A 74 30.29 25.81 -2.29
N GLN A 75 30.82 24.79 -1.65
CA GLN A 75 32.01 24.06 -2.13
C GLN A 75 31.72 22.59 -2.16
N GLU A 76 32.35 21.83 -3.05
CA GLU A 76 32.21 20.39 -3.05
C GLU A 76 32.91 19.78 -1.85
N VAL A 77 32.36 18.68 -1.37
CA VAL A 77 32.85 17.95 -0.23
C VAL A 77 33.07 16.49 -0.61
N LYS A 78 33.88 15.85 0.21
CA LYS A 78 34.16 14.41 0.12
C LYS A 78 32.95 13.56 0.52
N TYR A 79 32.74 12.46 -0.24
CA TYR A 79 31.68 11.49 0.04
C TYR A 79 32.21 10.16 -0.43
N ALA A 80 31.64 9.08 0.10
CA ALA A 80 32.02 7.75 -0.42
C ALA A 80 30.78 6.86 -0.44
N LEU A 81 30.60 6.05 -1.49
CA LEU A 81 29.56 5.05 -1.58
C LEU A 81 30.07 3.66 -1.18
N GLY A 82 29.46 3.06 -0.18
CA GLY A 82 29.92 1.73 0.14
C GLY A 82 29.38 0.69 -0.83
N GLU A 83 29.84 -0.53 -0.58
CA GLU A 83 29.36 -1.73 -1.23
C GLU A 83 27.83 -1.90 -1.11
N ARG A 84 27.19 -2.33 -2.18
CA ARG A 84 25.75 -2.62 -2.16
C ARG A 84 25.40 -3.75 -1.18
N GLN A 85 24.34 -3.55 -0.44
CA GLN A 85 23.78 -4.53 0.51
C GLN A 85 22.40 -5.02 0.00
N SER A 86 22.42 -5.71 -1.15
CA SER A 86 21.16 -6.25 -1.68
C SER A 86 20.06 -5.20 -1.76
N TYR A 87 18.88 -5.53 -1.31
CA TYR A 87 17.71 -4.64 -1.45
C TYR A 87 17.82 -3.35 -0.68
N LYS A 88 18.76 -3.31 0.30
CA LYS A 88 18.92 -2.08 1.09
C LYS A 88 19.68 -0.99 0.35
N GLY A 89 20.34 -1.37 -0.77
CA GLY A 89 21.15 -0.42 -1.55
C GLY A 89 22.57 -0.20 -1.03
N SER A 90 23.10 0.99 -1.26
CA SER A 90 24.47 1.37 -0.94
C SER A 90 24.53 2.58 -0.01
N PRO A 91 25.25 2.51 1.11
CA PRO A 91 25.32 3.64 2.00
C PRO A 91 26.23 4.71 1.41
N MET A 92 25.84 5.96 1.61
CA MET A 92 26.61 7.11 1.18
C MET A 92 27.04 7.97 2.36
N GLU A 93 28.32 7.93 2.67
CA GLU A 93 28.95 8.68 3.72
C GLU A 93 29.47 10.03 3.17
N ILE A 94 29.05 11.09 3.86
CA ILE A 94 29.41 12.48 3.51
C ILE A 94 30.25 13.07 4.66
N SER A 95 31.41 13.59 4.24
CA SER A 95 32.29 14.21 5.19
C SER A 95 32.00 15.71 5.38
N LEU A 96 31.58 16.15 6.55
CA LEU A 96 31.13 17.54 6.66
C LEU A 96 32.36 18.44 6.75
N PRO A 97 32.30 19.63 6.18
CA PRO A 97 33.46 20.50 6.16
C PRO A 97 33.77 21.20 7.48
N ILE A 98 32.80 21.36 8.38
CA ILE A 98 32.94 21.99 9.69
C ILE A 98 32.14 21.15 10.66
N ALA A 99 32.78 20.71 11.77
CA ALA A 99 32.02 19.99 12.79
C ALA A 99 30.83 20.79 13.33
N LEU A 100 29.68 20.10 13.45
CA LEU A 100 28.45 20.70 13.92
C LEU A 100 28.21 20.50 15.42
N SER A 101 27.60 21.47 16.07
CA SER A 101 27.15 21.39 17.43
C SER A 101 25.75 20.78 17.46
N LYS A 102 25.36 20.31 18.64
CA LYS A 102 24.00 19.75 18.76
C LYS A 102 22.96 20.82 18.41
N ASN A 103 21.98 20.46 17.61
CA ASN A 103 20.89 21.28 17.11
C ASN A 103 21.29 22.27 16.03
N GLN A 104 22.57 22.27 15.61
CA GLN A 104 22.93 23.12 14.46
C GLN A 104 22.34 22.52 13.17
N GLU A 105 21.84 23.37 12.24
CA GLU A 105 21.27 22.97 10.98
C GLU A 105 22.10 23.48 9.81
N ILE A 106 22.32 22.58 8.87
CA ILE A 106 22.99 22.95 7.60
C ILE A 106 22.23 22.42 6.40
N VAL A 107 22.58 22.91 5.22
CA VAL A 107 21.98 22.46 3.99
C VAL A 107 23.03 21.71 3.16
N ILE A 108 22.66 20.49 2.75
CA ILE A 108 23.51 19.66 1.94
C ILE A 108 22.87 19.41 0.58
N GLU A 109 23.51 19.85 -0.50
CA GLU A 109 22.92 19.78 -1.84
C GLU A 109 23.62 18.68 -2.62
N ILE A 110 22.89 17.59 -2.95
CA ILE A 110 23.44 16.47 -3.64
C ILE A 110 22.97 16.43 -5.10
N SER A 111 23.87 16.41 -6.06
CA SER A 111 23.49 16.24 -7.47
C SER A 111 23.53 14.76 -7.84
N PHE A 112 22.43 14.24 -8.42
CA PHE A 112 22.27 12.81 -8.60
C PHE A 112 21.47 12.54 -9.88
N GLU A 113 21.45 11.26 -10.24
CA GLU A 113 20.62 10.72 -11.30
C GLU A 113 20.14 9.33 -10.89
N THR A 114 18.88 8.98 -11.20
CA THR A 114 18.36 7.64 -10.96
C THR A 114 18.80 6.73 -12.09
N SER A 115 18.66 5.43 -11.92
CA SER A 115 18.82 4.35 -12.86
C SER A 115 17.52 4.01 -13.53
N PRO A 116 17.48 3.64 -14.79
CA PRO A 116 16.21 3.15 -15.41
C PRO A 116 15.63 2.02 -14.62
N LYS A 117 16.44 1.24 -13.87
CA LYS A 117 15.92 0.12 -13.09
C LYS A 117 15.43 0.44 -11.67
N SER A 118 15.45 1.71 -11.34
CA SER A 118 14.97 2.22 -10.05
C SER A 118 13.76 1.44 -9.50
N SER A 119 13.89 0.83 -8.34
CA SER A 119 12.78 -0.02 -7.86
C SER A 119 11.60 0.80 -7.42
N ALA A 120 11.78 2.09 -7.20
CA ALA A 120 10.72 3.02 -6.87
C ALA A 120 9.83 3.38 -8.07
N LEU A 121 10.30 3.20 -9.29
CA LEU A 121 9.67 3.77 -10.47
C LEU A 121 9.23 2.73 -11.49
N GLN A 122 8.11 2.99 -12.16
CA GLN A 122 7.80 2.31 -13.41
C GLN A 122 7.64 3.35 -14.55
N TRP A 123 8.43 3.15 -15.60
CA TRP A 123 8.42 3.91 -16.83
C TRP A 123 7.57 3.21 -17.86
N LEU A 124 6.54 3.85 -18.36
CA LEU A 124 5.62 3.21 -19.31
C LEU A 124 5.75 3.82 -20.69
N THR A 125 5.79 2.99 -21.73
CA THR A 125 5.78 3.52 -23.09
C THR A 125 4.42 4.04 -23.49
N PRO A 126 4.29 4.82 -24.55
CA PRO A 126 2.94 5.17 -25.03
C PRO A 126 1.99 3.99 -25.21
N GLU A 127 2.42 2.86 -25.72
CA GLU A 127 1.53 1.72 -25.92
C GLU A 127 0.97 1.18 -24.63
N GLN A 128 1.66 1.42 -23.49
CA GLN A 128 1.23 0.91 -22.19
C GLN A 128 0.19 1.83 -21.52
N THR A 129 -0.15 2.98 -22.11
CA THR A 129 -1.12 3.91 -21.55
C THR A 129 -2.47 3.86 -22.23
N SER A 130 -3.44 4.64 -21.73
CA SER A 130 -4.73 4.56 -22.33
C SER A 130 -4.77 5.27 -23.69
N GLY A 131 -4.10 6.39 -23.67
CA GLY A 131 -4.17 7.31 -24.82
C GLY A 131 -3.24 7.02 -25.99
N LYS A 132 -2.17 6.27 -25.77
CA LYS A 132 -1.31 5.68 -26.78
C LYS A 132 -0.39 6.70 -27.46
N GLU A 133 -0.41 7.95 -27.02
CA GLU A 133 0.38 9.03 -27.64
C GLU A 133 1.56 9.45 -26.78
N HIS A 134 1.43 9.36 -25.47
CA HIS A 134 2.41 9.88 -24.54
C HIS A 134 2.88 8.82 -23.57
N PRO A 135 4.13 8.93 -23.07
CA PRO A 135 4.58 7.99 -22.05
C PRO A 135 4.11 8.44 -20.67
N TYR A 136 4.50 7.67 -19.64
CA TYR A 136 3.95 7.92 -18.29
C TYR A 136 4.96 7.37 -17.27
N LEU A 137 5.07 8.01 -16.12
CA LEU A 137 5.93 7.66 -15.00
C LEU A 137 5.17 7.67 -13.70
N PHE A 138 5.36 6.65 -12.84
CA PHE A 138 4.82 6.77 -11.49
C PHE A 138 5.77 6.12 -10.47
N SER A 139 5.70 6.65 -9.22
CA SER A 139 6.42 6.12 -8.08
C SER A 139 5.56 5.36 -7.09
N GLN A 140 6.31 4.56 -6.32
CA GLN A 140 5.78 3.83 -5.17
C GLN A 140 6.93 3.67 -4.18
N CYS A 141 6.96 4.46 -3.12
CA CYS A 141 8.08 4.45 -2.18
C CYS A 141 7.91 3.52 -0.99
N GLN A 142 6.70 3.25 -0.52
CA GLN A 142 6.54 2.37 0.65
C GLN A 142 6.93 0.93 0.29
N ALA A 143 7.74 0.31 1.13
CA ALA A 143 8.41 0.72 2.31
C ALA A 143 9.70 1.51 2.13
N ILE A 144 10.67 0.94 1.39
CA ILE A 144 12.04 1.45 1.39
C ILE A 144 12.57 1.67 -0.03
N HIS A 145 11.68 2.37 -0.80
CA HIS A 145 12.11 2.67 -2.18
C HIS A 145 12.39 4.13 -2.40
N CYS A 146 12.16 5.00 -1.43
CA CYS A 146 12.52 6.42 -1.66
C CYS A 146 14.02 6.55 -1.95
N ARG A 147 14.84 5.70 -1.32
CA ARG A 147 16.27 5.73 -1.61
C ARG A 147 16.62 5.42 -3.06
N ALA A 148 15.73 4.85 -3.85
CA ALA A 148 15.94 4.58 -5.27
C ALA A 148 15.48 5.76 -6.12
N ILE A 149 14.97 6.80 -5.51
CA ILE A 149 14.72 8.06 -6.16
C ILE A 149 15.74 9.17 -5.80
N LEU A 150 16.11 9.32 -4.53
CA LEU A 150 16.98 10.35 -4.07
C LEU A 150 17.70 9.97 -2.79
N PRO A 151 18.85 10.54 -2.50
CA PRO A 151 19.57 10.18 -1.27
C PRO A 151 18.82 10.72 -0.07
N CYS A 152 18.61 9.94 0.99
CA CYS A 152 17.84 10.31 2.12
C CYS A 152 18.05 9.40 3.34
N GLN A 153 17.58 9.81 4.51
CA GLN A 153 17.45 8.92 5.67
C GLN A 153 16.18 8.11 5.45
N ASP A 154 16.30 6.92 4.85
CA ASP A 154 15.06 6.24 4.35
C ASP A 154 14.48 5.33 5.42
N THR A 155 13.96 6.01 6.44
CA THR A 155 13.41 5.45 7.69
C THR A 155 12.20 6.25 8.12
N PRO A 156 11.10 5.63 8.51
CA PRO A 156 9.91 6.38 8.95
C PRO A 156 10.02 7.01 10.33
N SER A 157 11.18 6.84 10.98
CA SER A 157 11.54 7.48 12.23
C SER A 157 11.91 8.95 12.08
N VAL A 158 12.03 9.48 10.89
CA VAL A 158 12.42 10.85 10.57
C VAL A 158 11.28 11.45 9.76
N LYS A 159 10.87 12.67 10.09
CA LYS A 159 9.85 13.39 9.36
C LYS A 159 10.35 14.76 8.96
N LEU A 160 10.00 15.12 7.69
CA LEU A 160 10.51 16.33 7.02
C LEU A 160 9.41 16.97 6.19
N THR A 161 9.51 18.28 6.03
CA THR A 161 8.67 18.95 5.04
C THR A 161 9.35 18.89 3.69
N TYR A 162 8.67 19.26 2.58
CA TYR A 162 9.39 19.33 1.34
C TYR A 162 8.71 20.30 0.38
N THR A 163 9.60 20.75 -0.55
CA THR A 163 9.22 21.56 -1.69
C THR A 163 9.90 20.92 -2.90
N ALA A 164 9.29 21.09 -4.08
CA ALA A 164 9.89 20.51 -5.27
C ALA A 164 9.58 21.29 -6.52
N GLU A 165 10.47 21.25 -7.52
CA GLU A 165 10.27 21.79 -8.85
C GLU A 165 10.58 20.70 -9.84
N VAL A 166 9.64 20.30 -10.68
CA VAL A 166 9.81 19.13 -11.57
C VAL A 166 9.64 19.57 -13.03
N SER A 167 10.71 19.42 -13.83
CA SER A 167 10.64 19.73 -15.26
C SER A 167 10.27 18.47 -16.04
N VAL A 168 9.23 18.66 -16.89
CA VAL A 168 8.64 17.61 -17.70
C VAL A 168 8.33 18.12 -19.13
N PRO A 169 8.25 17.22 -20.11
CA PRO A 169 7.82 17.66 -21.44
C PRO A 169 6.49 18.43 -21.34
N LYS A 170 6.36 19.53 -22.06
CA LYS A 170 5.29 20.49 -21.79
C LYS A 170 3.90 19.96 -22.10
N GLU A 171 3.76 18.92 -22.92
CA GLU A 171 2.50 18.26 -23.12
C GLU A 171 2.01 17.43 -21.94
N LEU A 172 2.84 17.19 -20.93
CA LEU A 172 2.46 16.32 -19.82
C LEU A 172 2.25 17.10 -18.53
N VAL A 173 1.75 16.47 -17.51
CA VAL A 173 1.42 17.03 -16.17
C VAL A 173 2.18 16.26 -15.12
N ALA A 174 2.81 16.94 -14.18
CA ALA A 174 3.42 16.36 -12.96
C ALA A 174 2.46 16.58 -11.77
N LEU A 175 2.29 15.60 -10.92
CA LEU A 175 1.61 15.74 -9.62
C LEU A 175 2.48 15.08 -8.54
N MET A 176 2.42 15.56 -7.33
CA MET A 176 3.14 15.03 -6.16
C MET A 176 2.24 14.93 -4.93
N SER A 177 2.75 14.26 -3.89
CA SER A 177 2.07 14.19 -2.58
C SER A 177 2.23 15.47 -1.75
N ALA A 178 1.58 16.50 -2.29
CA ALA A 178 1.86 17.88 -1.90
C ALA A 178 0.80 18.79 -2.53
N ILE A 179 0.74 20.04 -2.05
CA ILE A 179 -0.13 21.02 -2.65
C ILE A 179 0.52 21.58 -3.91
N ARG A 180 -0.23 21.67 -5.00
CA ARG A 180 0.25 22.32 -6.22
C ARG A 180 0.54 23.80 -6.04
N ASP A 181 1.70 24.24 -6.58
CA ASP A 181 2.21 25.58 -6.32
C ASP A 181 2.64 26.27 -7.62
N GLY A 182 1.91 25.89 -8.67
CA GLY A 182 1.96 26.63 -9.94
C GLY A 182 2.79 25.93 -11.00
N GLU A 183 2.82 26.45 -12.22
CA GLU A 183 3.52 25.91 -13.35
C GLU A 183 3.99 27.09 -14.21
N THR A 184 5.11 26.87 -14.89
CA THR A 184 5.80 27.84 -15.73
C THR A 184 6.63 27.19 -16.84
N PRO A 185 6.83 27.78 -18.02
CA PRO A 185 7.72 27.17 -19.03
C PRO A 185 9.10 27.02 -18.41
N ASP A 186 9.87 25.99 -18.77
CA ASP A 186 11.22 25.79 -18.25
C ASP A 186 12.17 26.76 -18.94
N PRO A 187 12.76 27.74 -18.30
CA PRO A 187 13.68 28.63 -19.05
C PRO A 187 14.90 27.97 -19.65
N GLU A 188 15.33 26.82 -19.18
CA GLU A 188 16.49 26.14 -19.68
C GLU A 188 16.13 25.29 -20.92
N ASP A 189 14.82 25.04 -21.16
CA ASP A 189 14.34 24.19 -22.27
C ASP A 189 12.89 24.48 -22.59
N PRO A 190 12.55 25.30 -23.54
CA PRO A 190 11.16 25.65 -23.86
C PRO A 190 10.31 24.48 -24.35
N SER A 191 10.92 23.29 -24.52
CA SER A 191 10.09 22.14 -24.82
C SER A 191 9.45 21.61 -23.51
N ARG A 192 9.80 22.23 -22.37
CA ARG A 192 9.37 21.70 -21.06
C ARG A 192 8.59 22.66 -20.20
N LYS A 193 7.89 22.16 -19.18
CA LYS A 193 7.26 22.95 -18.14
C LYS A 193 7.85 22.53 -16.78
N ILE A 194 7.87 23.49 -15.87
CA ILE A 194 8.22 23.24 -14.49
C ILE A 194 6.94 23.32 -13.63
N TYR A 195 6.64 22.22 -12.90
CA TYR A 195 5.58 22.15 -11.96
C TYR A 195 6.15 22.26 -10.55
N LYS A 196 5.56 23.09 -9.71
CA LYS A 196 6.00 23.33 -8.33
C LYS A 196 5.00 22.80 -7.30
N PHE A 197 5.52 22.39 -6.12
CA PHE A 197 4.85 21.67 -5.09
C PHE A 197 5.38 22.04 -3.68
N ILE A 198 4.45 22.04 -2.72
CA ILE A 198 4.79 22.31 -1.32
C ILE A 198 4.01 21.42 -0.36
N GLN A 199 4.73 20.73 0.52
CA GLN A 199 4.19 19.88 1.58
C GLN A 199 4.64 20.52 2.89
N LYS A 200 3.75 21.26 3.58
CA LYS A 200 4.14 22.02 4.78
C LYS A 200 3.94 21.20 6.04
N VAL A 201 3.41 20.01 5.96
CA VAL A 201 3.21 19.11 7.10
C VAL A 201 4.37 18.11 7.13
N PRO A 202 5.11 17.89 8.22
CA PRO A 202 6.21 16.92 8.20
C PRO A 202 5.72 15.51 8.02
N ILE A 203 6.44 14.83 7.11
CA ILE A 203 6.08 13.46 6.73
C ILE A 203 7.30 12.57 6.70
N PRO A 204 7.10 11.27 6.90
CA PRO A 204 8.16 10.27 6.64
C PRO A 204 8.40 10.20 5.13
N CYS A 205 9.65 9.95 4.70
CA CYS A 205 9.93 10.01 3.26
C CYS A 205 9.23 8.94 2.43
N TYR A 206 8.73 7.87 3.01
CA TYR A 206 8.01 6.88 2.17
C TYR A 206 6.71 7.43 1.55
N LEU A 207 6.26 8.59 2.02
CA LEU A 207 5.11 9.30 1.52
C LEU A 207 5.42 10.29 0.41
N ILE A 208 6.72 10.42 0.03
CA ILE A 208 7.03 11.14 -1.21
C ILE A 208 6.52 10.36 -2.43
N ALA A 209 5.88 11.06 -3.35
CA ALA A 209 5.29 10.42 -4.54
C ALA A 209 5.26 11.41 -5.71
N LEU A 210 5.40 10.86 -6.92
CA LEU A 210 5.44 11.57 -8.20
C LEU A 210 4.73 10.78 -9.28
N VAL A 211 3.96 11.51 -10.09
CA VAL A 211 3.42 10.96 -11.32
C VAL A 211 3.69 11.99 -12.42
N VAL A 212 4.02 11.49 -13.63
CA VAL A 212 4.07 12.31 -14.85
C VAL A 212 3.36 11.60 -16.00
N GLY A 213 2.35 12.30 -16.58
CA GLY A 213 1.63 11.77 -17.72
C GLY A 213 0.59 12.75 -18.26
N ALA A 214 -0.17 12.19 -19.19
CA ALA A 214 -1.21 12.98 -19.88
C ALA A 214 -2.46 12.97 -19.04
N LEU A 215 -2.43 13.74 -17.95
CA LEU A 215 -3.48 13.68 -16.94
C LEU A 215 -4.51 14.81 -17.08
N GLU A 216 -5.75 14.51 -16.80
CA GLU A 216 -6.85 15.46 -16.68
C GLU A 216 -7.53 15.27 -15.30
N SER A 217 -8.27 16.29 -14.90
CA SER A 217 -8.91 16.32 -13.57
C SER A 217 -10.40 16.65 -13.66
N ARG A 218 -11.15 16.11 -12.69
CA ARG A 218 -12.56 16.45 -12.49
C ARG A 218 -12.85 16.64 -11.01
N GLN A 219 -13.53 17.73 -10.65
CA GLN A 219 -13.90 17.95 -9.24
C GLN A 219 -15.04 17.04 -8.82
N ILE A 220 -14.91 16.36 -7.67
CA ILE A 220 -15.99 15.46 -7.18
C ILE A 220 -16.40 15.81 -5.75
N GLY A 221 -15.79 16.78 -5.11
CA GLY A 221 -16.19 17.23 -3.79
C GLY A 221 -15.50 18.54 -3.49
N PRO A 222 -15.79 19.12 -2.32
CA PRO A 222 -15.23 20.45 -2.02
C PRO A 222 -13.71 20.53 -1.81
N ARG A 223 -13.12 19.34 -1.56
CA ARG A 223 -11.66 19.32 -1.41
C ARG A 223 -11.00 18.19 -2.19
N THR A 224 -11.67 17.73 -3.27
CA THR A 224 -11.22 16.58 -4.04
C THR A 224 -11.42 16.70 -5.54
N LEU A 225 -10.33 16.54 -6.24
CA LEU A 225 -10.29 16.29 -7.67
C LEU A 225 -9.87 14.84 -7.86
N VAL A 226 -10.45 14.16 -8.85
CA VAL A 226 -9.95 12.91 -9.37
C VAL A 226 -9.12 13.21 -10.65
N TRP A 227 -7.93 12.58 -10.76
CA TRP A 227 -6.99 12.65 -11.86
C TRP A 227 -6.78 11.28 -12.53
N SER A 228 -6.80 11.32 -13.86
CA SER A 228 -6.54 10.13 -14.64
C SER A 228 -6.25 10.50 -16.08
N GLU A 229 -5.98 9.52 -16.93
CA GLU A 229 -6.06 9.87 -18.33
C GLU A 229 -7.51 10.15 -18.73
N LYS A 230 -7.69 10.94 -19.81
CA LYS A 230 -9.00 11.34 -20.30
C LYS A 230 -10.01 10.20 -20.31
N GLU A 231 -9.60 9.02 -20.79
CA GLU A 231 -10.48 7.89 -21.03
C GLU A 231 -11.12 7.31 -19.76
N GLN A 232 -10.48 7.56 -18.59
CA GLN A 232 -10.96 7.12 -17.31
C GLN A 232 -11.61 8.16 -16.41
N VAL A 233 -11.65 9.43 -16.80
CA VAL A 233 -12.12 10.46 -15.88
C VAL A 233 -13.58 10.29 -15.45
N GLU A 234 -14.51 10.11 -16.41
CA GLU A 234 -15.94 10.03 -16.11
C GLU A 234 -16.24 8.82 -15.23
N LYS A 235 -15.69 7.63 -15.56
CA LYS A 235 -16.00 6.45 -14.75
C LYS A 235 -15.41 6.62 -13.35
N SER A 236 -14.22 7.24 -13.20
CA SER A 236 -13.59 7.41 -11.91
C SER A 236 -14.36 8.41 -11.03
N ALA A 237 -14.85 9.48 -11.66
CA ALA A 237 -15.61 10.42 -10.85
C ALA A 237 -16.85 9.81 -10.21
N TYR A 238 -17.51 8.89 -10.95
CA TYR A 238 -18.66 8.20 -10.38
C TYR A 238 -18.24 7.21 -9.31
N GLU A 239 -17.21 6.43 -9.66
CA GLU A 239 -16.85 5.31 -8.81
C GLU A 239 -16.51 5.80 -7.39
N PHE A 240 -15.85 6.97 -7.32
CA PHE A 240 -15.29 7.49 -6.08
C PHE A 240 -16.12 8.61 -5.47
N SER A 241 -17.37 8.76 -5.88
CA SER A 241 -18.18 9.87 -5.46
C SER A 241 -18.52 9.85 -3.97
N GLU A 242 -18.38 8.77 -3.24
CA GLU A 242 -18.54 8.76 -1.76
C GLU A 242 -17.38 9.40 -0.99
N THR A 243 -16.33 9.79 -1.70
CA THR A 243 -15.10 10.30 -1.00
C THR A 243 -15.35 11.41 0.03
N GLU A 244 -16.03 12.50 -0.29
CA GLU A 244 -16.30 13.56 0.69
C GLU A 244 -17.10 13.04 1.88
N SER A 245 -18.13 12.19 1.71
CA SER A 245 -18.86 11.69 2.87
C SER A 245 -17.93 10.89 3.76
N MET A 246 -17.01 10.17 3.18
CA MET A 246 -16.07 9.35 3.94
C MET A 246 -15.09 10.27 4.65
N LEU A 247 -14.64 11.37 4.05
CA LEU A 247 -13.77 12.32 4.74
C LEU A 247 -14.49 12.91 5.93
N LYS A 248 -15.76 13.24 5.75
CA LYS A 248 -16.47 13.83 6.90
C LYS A 248 -16.58 12.82 8.07
N ILE A 249 -16.83 11.53 7.74
CA ILE A 249 -16.93 10.54 8.84
C ILE A 249 -15.58 10.39 9.49
N ALA A 250 -14.55 10.29 8.68
CA ALA A 250 -13.20 10.16 9.22
C ALA A 250 -12.80 11.30 10.17
N GLU A 251 -13.17 12.53 9.84
CA GLU A 251 -12.88 13.66 10.68
C GLU A 251 -13.61 13.58 12.00
N ASP A 252 -14.82 13.09 11.94
CA ASP A 252 -15.55 12.84 13.23
C ASP A 252 -14.82 11.86 14.10
N LEU A 253 -14.23 10.81 13.55
CA LEU A 253 -13.54 9.78 14.32
C LEU A 253 -12.13 10.15 14.74
N GLY A 254 -11.42 10.90 13.87
CA GLY A 254 -10.02 11.16 14.18
C GLY A 254 -9.56 12.55 14.52
N GLY A 255 -10.45 13.54 14.35
CA GLY A 255 -10.08 14.93 14.50
C GLY A 255 -9.85 15.59 13.18
N PRO A 256 -9.55 16.89 13.17
CA PRO A 256 -9.42 17.61 11.89
C PRO A 256 -8.45 16.95 10.90
N TYR A 257 -8.83 17.06 9.63
CA TYR A 257 -8.04 16.70 8.46
C TYR A 257 -7.08 17.88 8.24
N VAL A 258 -5.78 17.60 8.39
CA VAL A 258 -4.80 18.70 8.36
C VAL A 258 -4.06 18.96 7.06
N TRP A 259 -4.38 18.23 5.98
CA TRP A 259 -3.58 18.15 4.80
C TRP A 259 -4.06 19.05 3.67
N GLY A 260 -5.13 19.78 3.82
CA GLY A 260 -5.61 20.73 2.83
C GLY A 260 -6.51 20.02 1.83
N GLN A 261 -5.96 19.48 0.79
CA GLN A 261 -6.62 18.77 -0.27
C GLN A 261 -6.65 17.26 -0.02
N TYR A 262 -7.64 16.55 -0.51
CA TYR A 262 -7.72 15.11 -0.58
C TYR A 262 -7.99 14.77 -2.07
N ASP A 263 -6.97 14.67 -2.93
CA ASP A 263 -7.19 14.31 -4.35
C ASP A 263 -6.93 12.82 -4.53
N LEU A 264 -7.46 12.29 -5.61
CA LEU A 264 -7.28 10.92 -6.01
C LEU A 264 -6.66 10.84 -7.40
N LEU A 265 -5.73 9.91 -7.56
CA LEU A 265 -5.06 9.61 -8.85
C LEU A 265 -5.36 8.19 -9.24
N VAL A 266 -5.94 7.93 -10.38
CA VAL A 266 -6.24 6.55 -10.85
C VAL A 266 -5.15 6.19 -11.84
N LEU A 267 -4.26 5.28 -11.44
CA LEU A 267 -3.07 4.96 -12.22
C LEU A 267 -3.40 4.01 -13.37
N PRO A 268 -2.41 3.75 -14.25
CA PRO A 268 -2.57 2.68 -15.23
C PRO A 268 -2.58 1.30 -14.54
N PRO A 269 -2.97 0.25 -15.28
CA PRO A 269 -3.24 -1.05 -14.67
C PRO A 269 -2.08 -1.75 -13.96
N SER A 270 -0.83 -1.37 -14.22
CA SER A 270 0.28 -2.05 -13.55
C SER A 270 0.60 -1.49 -12.17
N PHE A 271 -0.18 -0.51 -11.67
CA PHE A 271 0.06 -0.08 -10.30
C PHE A 271 0.01 -1.26 -9.32
N PRO A 272 1.07 -1.48 -8.52
CA PRO A 272 1.13 -2.76 -7.79
C PRO A 272 0.19 -2.98 -6.61
N TYR A 273 -0.47 -1.95 -6.08
CA TYR A 273 -1.28 -2.06 -4.87
C TYR A 273 -2.69 -1.55 -5.16
N GLY A 274 -3.60 -1.80 -4.21
CA GLY A 274 -4.98 -1.31 -4.39
C GLY A 274 -5.05 0.20 -4.18
N GLY A 275 -4.32 0.69 -3.17
CA GLY A 275 -4.27 2.11 -2.91
C GLY A 275 -3.05 2.44 -2.09
N MET A 276 -2.50 3.63 -2.20
CA MET A 276 -1.38 4.12 -1.38
C MET A 276 -1.74 5.54 -0.89
N GLU A 277 -1.62 5.77 0.41
CA GLU A 277 -2.09 6.97 1.11
C GLU A 277 -1.18 8.16 0.95
N ASN A 278 -0.59 8.36 -0.25
CA ASN A 278 0.33 9.51 -0.41
C ASN A 278 -0.40 10.81 -0.04
N PRO A 279 0.20 11.63 0.85
CA PRO A 279 -0.61 12.77 1.36
C PRO A 279 -0.93 13.78 0.29
N CYS A 280 -2.16 14.25 0.32
CA CYS A 280 -2.82 15.13 -0.61
C CYS A 280 -3.18 14.52 -1.95
N LEU A 281 -2.68 13.33 -2.22
CA LEU A 281 -2.88 12.63 -3.50
C LEU A 281 -2.76 11.12 -3.33
N THR A 282 -3.92 10.53 -2.90
CA THR A 282 -3.97 9.05 -2.82
C THR A 282 -3.86 8.47 -4.22
N PHE A 283 -3.11 7.39 -4.35
CA PHE A 283 -2.97 6.66 -5.59
C PHE A 283 -3.82 5.37 -5.56
N VAL A 284 -4.56 5.06 -6.62
CA VAL A 284 -5.34 3.85 -6.63
C VAL A 284 -5.22 3.11 -7.96
N THR A 285 -5.51 1.77 -7.80
CA THR A 285 -5.60 0.87 -8.95
C THR A 285 -6.88 1.12 -9.76
N PRO A 286 -6.79 1.01 -11.12
CA PRO A 286 -8.01 1.07 -11.93
C PRO A 286 -8.88 -0.18 -11.82
N THR A 287 -8.36 -1.21 -11.16
CA THR A 287 -9.17 -2.38 -10.88
C THR A 287 -10.25 -2.08 -9.82
N LEU A 288 -10.23 -0.87 -9.23
CA LEU A 288 -11.39 -0.48 -8.42
C LEU A 288 -12.62 -0.07 -9.23
N LEU A 289 -12.53 0.10 -10.55
CA LEU A 289 -13.62 0.66 -11.36
C LEU A 289 -14.65 -0.40 -11.77
N ALA A 290 -15.35 -0.86 -10.75
CA ALA A 290 -16.33 -1.89 -10.91
C ALA A 290 -17.64 -1.40 -11.51
N GLY A 291 -17.89 -0.13 -11.49
CA GLY A 291 -19.11 0.51 -11.96
C GLY A 291 -20.19 0.74 -10.94
N ASP A 292 -20.01 0.27 -9.74
CA ASP A 292 -21.06 0.34 -8.73
C ASP A 292 -20.61 0.82 -7.35
N LYS A 293 -19.42 1.33 -7.21
CA LYS A 293 -18.82 1.89 -6.03
C LYS A 293 -18.49 0.79 -5.00
N SER A 294 -18.58 -0.51 -5.40
CA SER A 294 -18.52 -1.59 -4.44
C SER A 294 -17.18 -1.87 -3.79
N LEU A 295 -16.13 -1.33 -4.39
CA LEU A 295 -14.76 -1.52 -3.82
C LEU A 295 -14.27 -0.28 -3.13
N SER A 296 -15.19 0.60 -2.72
CA SER A 296 -14.78 1.84 -2.07
C SER A 296 -14.20 1.74 -0.68
N ASN A 297 -14.21 0.55 -0.08
CA ASN A 297 -13.46 0.43 1.16
C ASN A 297 -11.98 0.73 0.96
N VAL A 298 -11.45 0.55 -0.24
CA VAL A 298 -10.03 0.92 -0.47
C VAL A 298 -9.86 2.40 -0.35
N ILE A 299 -10.80 3.19 -0.76
CA ILE A 299 -10.76 4.63 -0.52
C ILE A 299 -10.86 5.01 0.96
N ALA A 300 -11.79 4.36 1.66
CA ALA A 300 -11.92 4.59 3.10
C ALA A 300 -10.61 4.26 3.81
N HIS A 301 -9.92 3.23 3.41
CA HIS A 301 -8.58 2.87 3.99
C HIS A 301 -7.59 4.00 3.79
N GLN A 302 -7.39 4.42 2.53
CA GLN A 302 -6.40 5.51 2.29
C GLN A 302 -6.78 6.79 3.05
N ILE A 303 -8.08 7.12 3.06
CA ILE A 303 -8.52 8.32 3.82
C ILE A 303 -8.12 8.20 5.26
N SER A 304 -8.35 7.05 5.86
CA SER A 304 -8.06 6.82 7.29
C SER A 304 -6.59 7.00 7.58
N HIS A 305 -5.73 6.68 6.62
CA HIS A 305 -4.29 6.88 6.86
C HIS A 305 -3.89 8.34 7.08
N SER A 306 -4.79 9.29 6.73
CA SER A 306 -4.56 10.70 7.00
C SER A 306 -4.44 11.01 8.50
N TRP A 307 -4.81 10.05 9.34
CA TRP A 307 -4.60 10.04 10.78
C TRP A 307 -3.61 8.92 11.18
N THR A 308 -4.06 7.68 11.00
CA THR A 308 -3.32 6.53 11.45
C THR A 308 -2.32 6.13 10.37
N GLY A 309 -1.10 6.61 10.40
CA GLY A 309 -0.10 6.35 9.40
C GLY A 309 0.63 7.63 9.02
N ASN A 310 -0.10 8.62 8.55
CA ASN A 310 0.52 9.86 8.09
C ASN A 310 0.69 10.90 9.19
N LEU A 311 -0.15 10.86 10.21
CA LEU A 311 0.03 11.71 11.37
C LEU A 311 0.74 10.94 12.46
N VAL A 312 0.25 9.83 12.93
CA VAL A 312 0.89 8.88 13.81
C VAL A 312 1.56 7.81 12.96
N THR A 313 2.91 7.60 13.02
CA THR A 313 3.62 6.79 12.02
C THR A 313 4.40 5.67 12.68
N ASN A 314 4.49 4.51 12.14
CA ASN A 314 5.35 3.43 12.70
C ASN A 314 6.80 3.87 12.70
N LYS A 315 7.56 3.73 13.78
CA LYS A 315 8.94 4.15 13.88
C LYS A 315 9.83 3.32 12.99
N THR A 316 9.55 2.03 12.86
CA THR A 316 10.30 1.16 11.93
C THR A 316 9.26 0.20 11.31
N TRP A 317 9.61 -0.49 10.23
CA TRP A 317 8.69 -1.37 9.55
C TRP A 317 8.40 -2.62 10.33
N ASP A 318 9.13 -2.94 11.41
CA ASP A 318 8.79 -4.00 12.36
C ASP A 318 7.43 -3.71 12.99
N HIS A 319 7.03 -2.44 13.06
CA HIS A 319 5.83 -1.98 13.75
C HIS A 319 4.76 -1.60 12.75
N PHE A 320 4.82 -2.08 11.50
CA PHE A 320 3.87 -1.77 10.41
C PHE A 320 2.42 -2.09 10.80
N TRP A 321 2.16 -3.06 11.66
CA TRP A 321 0.78 -3.34 12.10
C TRP A 321 0.12 -2.11 12.72
N LEU A 322 0.93 -1.21 13.34
CA LEU A 322 0.32 -0.01 13.92
C LEU A 322 -0.39 0.79 12.84
N ASN A 323 0.33 0.98 11.72
CA ASN A 323 -0.21 1.71 10.59
C ASN A 323 -1.46 1.01 10.06
N GLU A 324 -1.29 -0.27 9.78
CA GLU A 324 -2.32 -0.97 9.06
C GLU A 324 -3.50 -1.45 9.90
N GLY A 325 -3.26 -2.01 11.08
CA GLY A 325 -4.33 -2.52 11.95
C GLY A 325 -5.33 -1.42 12.34
N HIS A 326 -4.78 -0.26 12.75
CA HIS A 326 -5.61 0.88 13.14
C HIS A 326 -6.41 1.46 11.96
N THR A 327 -5.76 1.46 10.79
CA THR A 327 -6.37 1.97 9.60
C THR A 327 -7.49 1.01 9.12
N VAL A 328 -7.33 -0.30 9.15
CA VAL A 328 -8.43 -1.20 8.84
C VAL A 328 -9.59 -1.04 9.85
N TYR A 329 -9.21 -0.83 11.12
CA TYR A 329 -10.22 -0.57 12.15
C TYR A 329 -11.06 0.62 11.79
N LEU A 330 -10.40 1.77 11.48
CA LEU A 330 -11.13 2.97 11.06
C LEU A 330 -11.90 2.79 9.76
N GLU A 331 -11.27 2.19 8.73
CA GLU A 331 -11.91 1.82 7.46
C GLU A 331 -13.25 1.14 7.72
N ARG A 332 -13.19 0.12 8.62
CA ARG A 332 -14.46 -0.64 8.77
C ARG A 332 -15.53 0.11 9.52
N HIS A 333 -15.05 1.09 10.38
CA HIS A 333 -16.05 1.98 10.99
C HIS A 333 -16.67 2.93 9.99
N ILE A 334 -15.91 3.43 9.02
CA ILE A 334 -16.46 4.37 8.04
C ILE A 334 -17.52 3.61 7.29
N CYS A 335 -17.20 2.37 6.86
CA CYS A 335 -18.16 1.62 6.01
C CYS A 335 -19.34 1.18 6.87
N GLY A 336 -19.17 0.96 8.19
CA GLY A 336 -20.29 0.65 9.06
C GLY A 336 -21.19 1.85 9.23
N ARG A 337 -20.62 3.06 9.33
CA ARG A 337 -21.47 4.24 9.46
C ARG A 337 -22.24 4.41 8.15
N LEU A 338 -21.62 4.19 6.96
CA LEU A 338 -22.40 4.35 5.73
C LEU A 338 -23.40 3.24 5.49
N PHE A 339 -23.09 1.97 5.81
CA PHE A 339 -23.93 0.84 5.37
C PHE A 339 -24.46 0.00 6.51
N GLY A 340 -24.07 0.29 7.73
CA GLY A 340 -24.63 -0.33 8.93
C GLY A 340 -23.71 -1.24 9.72
N GLU A 341 -23.97 -1.45 11.01
CA GLU A 341 -23.11 -2.26 11.86
C GLU A 341 -23.07 -3.72 11.41
N LYS A 342 -24.16 -4.29 10.91
CA LYS A 342 -24.13 -5.68 10.41
C LYS A 342 -23.09 -5.75 9.30
N PHE A 343 -22.97 -4.72 8.47
CA PHE A 343 -21.98 -4.72 7.38
C PHE A 343 -20.54 -4.66 7.97
N ARG A 344 -20.37 -3.87 9.01
CA ARG A 344 -19.05 -3.83 9.64
C ARG A 344 -18.65 -5.20 10.15
N HIS A 345 -19.59 -5.89 10.79
CA HIS A 345 -19.22 -7.24 11.25
C HIS A 345 -18.99 -8.22 10.11
N PHE A 346 -19.74 -8.09 9.00
CA PHE A 346 -19.48 -8.93 7.81
C PHE A 346 -18.06 -8.83 7.31
N ASN A 347 -17.60 -7.57 7.22
CA ASN A 347 -16.25 -7.31 6.68
C ASN A 347 -15.20 -7.72 7.67
N ALA A 348 -15.48 -7.51 8.96
CA ALA A 348 -14.56 -7.99 10.00
C ALA A 348 -14.40 -9.48 9.91
N LEU A 349 -15.51 -10.25 9.81
CA LEU A 349 -15.40 -11.70 9.79
C LEU A 349 -14.69 -12.17 8.55
N GLY A 350 -15.02 -11.50 7.46
CA GLY A 350 -14.26 -11.82 6.24
C GLY A 350 -12.74 -11.65 6.37
N GLY A 351 -12.32 -10.60 7.08
CA GLY A 351 -10.93 -10.33 7.32
C GLY A 351 -10.31 -11.42 8.14
N TRP A 352 -11.03 -12.01 9.10
CA TRP A 352 -10.55 -13.19 9.81
C TRP A 352 -10.30 -14.32 8.84
N GLY A 353 -11.15 -14.52 7.84
CA GLY A 353 -10.99 -15.53 6.81
C GLY A 353 -9.67 -15.34 6.06
N GLU A 354 -9.43 -14.07 5.76
CA GLU A 354 -8.18 -13.71 5.08
C GLU A 354 -6.93 -14.04 5.86
N LEU A 355 -7.02 -13.78 7.16
CA LEU A 355 -5.94 -14.14 8.10
C LEU A 355 -5.77 -15.66 8.13
N GLN A 356 -6.91 -16.36 8.16
CA GLN A 356 -6.76 -17.82 8.14
C GLN A 356 -5.97 -18.25 6.89
N ASN A 357 -6.26 -17.65 5.76
CA ASN A 357 -5.66 -17.97 4.47
C ASN A 357 -4.15 -17.71 4.49
N SER A 358 -3.85 -16.54 5.01
CA SER A 358 -2.43 -16.08 5.06
C SER A 358 -1.60 -16.97 5.95
N VAL A 359 -2.09 -17.34 7.14
CA VAL A 359 -1.44 -18.22 8.07
C VAL A 359 -1.27 -19.59 7.47
N LYS A 360 -2.26 -20.15 6.80
CA LYS A 360 -2.09 -21.48 6.15
C LYS A 360 -1.04 -21.39 5.07
N THR A 361 -1.03 -20.30 4.31
CA THR A 361 -0.04 -20.18 3.24
C THR A 361 1.40 -20.13 3.74
N PHE A 362 1.67 -19.29 4.76
CA PHE A 362 3.05 -19.26 5.29
C PHE A 362 3.39 -20.45 6.15
N GLY A 363 2.38 -20.97 6.82
CA GLY A 363 2.49 -22.01 7.86
C GLY A 363 2.43 -21.40 9.26
N GLU A 364 1.85 -22.18 10.19
CA GLU A 364 1.42 -21.64 11.45
C GLU A 364 2.56 -21.29 12.37
N THR A 365 3.74 -21.74 12.10
CA THR A 365 4.91 -21.35 12.84
C THR A 365 5.71 -20.27 12.14
N HIS A 366 5.31 -19.74 11.02
CA HIS A 366 6.22 -18.85 10.22
C HIS A 366 6.40 -17.49 10.87
N PRO A 367 7.64 -16.98 10.90
CA PRO A 367 7.89 -15.67 11.51
C PRO A 367 7.14 -14.51 10.85
N PHE A 368 6.75 -14.61 9.59
CA PHE A 368 5.96 -13.53 8.96
C PHE A 368 4.48 -13.55 9.41
N THR A 369 4.13 -14.53 10.25
CA THR A 369 2.78 -14.55 10.85
C THR A 369 2.74 -13.91 12.22
N LYS A 370 3.88 -13.42 12.74
CA LYS A 370 3.86 -12.60 13.94
C LYS A 370 3.28 -11.21 13.67
N LEU A 371 2.69 -10.56 14.69
CA LEU A 371 2.16 -9.24 14.51
C LEU A 371 3.28 -8.21 14.42
N VAL A 372 4.22 -8.32 15.34
CA VAL A 372 5.45 -7.51 15.26
C VAL A 372 6.49 -8.43 14.65
N VAL A 373 7.03 -8.03 13.50
CA VAL A 373 7.99 -8.84 12.75
C VAL A 373 9.40 -8.30 12.97
N ASP A 374 10.38 -9.17 12.84
CA ASP A 374 11.75 -8.71 12.87
C ASP A 374 12.32 -8.70 11.45
N LEU A 375 12.49 -7.53 10.84
CA LEU A 375 12.94 -7.49 9.46
C LEU A 375 14.44 -7.42 9.23
N THR A 376 15.24 -7.77 10.23
CA THR A 376 16.68 -7.96 10.09
C THR A 376 16.93 -8.94 8.93
N ASP A 377 17.60 -8.40 7.92
CA ASP A 377 17.91 -9.19 6.74
C ASP A 377 16.72 -9.69 5.95
N ILE A 378 15.58 -9.10 6.07
CA ILE A 378 14.43 -9.46 5.29
C ILE A 378 13.98 -8.30 4.40
N ASP A 379 13.77 -8.50 3.10
CA ASP A 379 13.15 -7.46 2.31
C ASP A 379 11.69 -7.20 2.72
N PRO A 380 11.29 -6.00 3.10
CA PRO A 380 9.92 -5.78 3.50
C PRO A 380 8.93 -6.20 2.45
N ASP A 381 9.29 -6.13 1.16
CA ASP A 381 8.35 -6.47 0.08
C ASP A 381 8.03 -7.95 0.05
N VAL A 382 8.94 -8.77 0.58
CA VAL A 382 8.75 -10.20 0.65
C VAL A 382 7.94 -10.61 1.88
N ALA A 383 8.17 -9.94 3.03
CA ALA A 383 7.44 -10.20 4.27
C ALA A 383 6.00 -9.73 4.15
N TYR A 384 5.76 -8.72 3.30
CA TYR A 384 4.44 -8.12 3.17
C TYR A 384 3.32 -9.14 2.97
N SER A 385 2.19 -8.99 3.70
CA SER A 385 1.08 -9.92 3.65
C SER A 385 -0.11 -9.30 4.31
N SER A 386 -1.22 -10.03 4.34
CA SER A 386 -2.40 -9.60 5.09
C SER A 386 -2.30 -9.70 6.63
N VAL A 387 -1.21 -10.32 7.16
CA VAL A 387 -1.10 -10.48 8.58
C VAL A 387 -1.14 -9.18 9.39
N PRO A 388 -0.32 -8.16 9.08
CA PRO A 388 -0.39 -6.92 9.90
C PRO A 388 -1.77 -6.26 9.89
N TYR A 389 -2.46 -6.36 8.74
CA TYR A 389 -3.81 -5.86 8.57
C TYR A 389 -4.81 -6.57 9.48
N GLU A 390 -4.80 -7.91 9.39
CA GLU A 390 -5.91 -8.69 9.90
C GLU A 390 -5.59 -9.21 11.30
N LYS A 391 -4.36 -9.56 11.61
CA LYS A 391 -4.08 -9.89 13.02
C LYS A 391 -4.13 -8.58 13.79
N GLY A 392 -3.72 -7.47 13.20
CA GLY A 392 -3.84 -6.15 13.81
C GLY A 392 -5.28 -5.72 14.12
N PHE A 393 -6.12 -5.85 13.06
CA PHE A 393 -7.53 -5.53 13.20
C PHE A 393 -8.08 -6.44 14.32
N ALA A 394 -7.81 -7.75 14.24
CA ALA A 394 -8.42 -8.70 15.17
C ALA A 394 -8.11 -8.30 16.61
N LEU A 395 -6.90 -7.89 16.90
CA LEU A 395 -6.48 -7.45 18.23
C LEU A 395 -7.32 -6.23 18.65
N LEU A 396 -7.43 -5.23 17.79
CA LEU A 396 -8.23 -4.06 18.17
C LEU A 396 -9.72 -4.37 18.34
N PHE A 397 -10.30 -5.24 17.50
CA PHE A 397 -11.70 -5.68 17.64
C PHE A 397 -11.93 -6.43 18.94
N TYR A 398 -11.03 -7.34 19.28
CA TYR A 398 -10.99 -8.03 20.58
C TYR A 398 -10.95 -7.04 21.74
N LEU A 399 -10.04 -6.06 21.68
CA LEU A 399 -9.98 -5.05 22.72
C LEU A 399 -11.24 -4.19 22.77
N GLU A 400 -11.82 -3.81 21.64
CA GLU A 400 -13.13 -3.13 21.66
C GLU A 400 -14.22 -3.86 22.44
N GLN A 401 -14.28 -5.17 22.18
CA GLN A 401 -15.24 -6.04 22.86
C GLN A 401 -14.91 -6.15 24.38
N LEU A 402 -13.61 -6.29 24.74
CA LEU A 402 -13.22 -6.40 26.15
C LEU A 402 -13.52 -5.17 27.01
N LEU A 403 -13.35 -4.02 26.37
CA LEU A 403 -13.34 -2.74 27.06
C LEU A 403 -14.64 -1.96 26.96
N GLY A 404 -15.68 -2.51 26.36
CA GLY A 404 -16.98 -1.86 26.51
C GLY A 404 -17.68 -1.52 25.22
N GLY A 405 -17.10 -1.86 24.09
CA GLY A 405 -17.75 -1.57 22.82
C GLY A 405 -17.16 -0.49 21.93
N PRO A 406 -17.73 -0.33 20.73
CA PRO A 406 -17.15 0.57 19.72
C PRO A 406 -17.17 2.04 20.12
N GLU A 407 -18.22 2.52 20.84
CA GLU A 407 -18.11 3.95 21.16
C GLU A 407 -16.94 4.27 22.09
N ILE A 408 -16.76 3.39 23.10
CA ILE A 408 -15.66 3.54 24.06
C ILE A 408 -14.32 3.34 23.38
N PHE A 409 -14.15 2.38 22.49
CA PHE A 409 -12.86 2.14 21.86
C PHE A 409 -12.55 3.27 20.87
N LEU A 410 -13.54 3.86 20.23
CA LEU A 410 -13.32 5.01 19.36
C LEU A 410 -12.83 6.26 20.05
N GLY A 411 -13.25 6.36 21.32
CA GLY A 411 -12.68 7.44 22.13
C GLY A 411 -11.20 7.25 22.38
N PHE A 412 -10.77 6.02 22.61
CA PHE A 412 -9.35 5.73 22.68
C PHE A 412 -8.62 6.09 21.39
N LEU A 413 -9.13 5.67 20.25
CA LEU A 413 -8.51 5.90 18.92
C LEU A 413 -8.27 7.39 18.72
N LYS A 414 -9.28 8.23 19.05
CA LYS A 414 -9.11 9.67 18.81
C LYS A 414 -8.07 10.22 19.75
N ALA A 415 -8.05 9.81 20.99
CA ALA A 415 -7.05 10.30 21.93
C ALA A 415 -5.63 9.84 21.54
N TYR A 416 -5.50 8.64 20.98
CA TYR A 416 -4.22 8.11 20.47
C TYR A 416 -3.67 8.91 19.32
N VAL A 417 -4.56 9.23 18.35
CA VAL A 417 -4.14 10.10 17.27
C VAL A 417 -3.67 11.44 17.81
N GLU A 418 -4.41 12.05 18.73
CA GLU A 418 -4.03 13.36 19.29
C GLU A 418 -2.70 13.26 19.99
N LYS A 419 -2.51 12.19 20.78
CA LYS A 419 -1.30 12.09 21.57
C LYS A 419 -0.08 11.98 20.67
N PHE A 420 -0.16 11.22 19.61
CA PHE A 420 1.05 10.94 18.83
C PHE A 420 1.14 11.61 17.45
N SER A 421 0.31 12.61 17.25
CA SER A 421 0.40 13.32 15.98
C SER A 421 1.78 13.94 15.72
N TYR A 422 2.23 13.81 14.49
CA TYR A 422 3.48 14.33 14.00
C TYR A 422 4.66 13.55 14.59
N LYS A 423 4.47 12.36 15.13
CA LYS A 423 5.47 11.56 15.77
C LYS A 423 5.56 10.17 15.14
N SER A 424 6.61 9.43 15.44
CA SER A 424 6.85 8.06 15.04
C SER A 424 7.05 7.16 16.25
N ILE A 425 6.30 6.04 16.33
CA ILE A 425 6.14 5.29 17.60
C ILE A 425 6.29 3.80 17.41
N THR A 426 6.53 3.14 18.54
CA THR A 426 6.65 1.68 18.53
C THR A 426 5.41 1.01 19.15
N THR A 427 5.34 -0.32 19.02
CA THR A 427 4.32 -1.10 19.69
C THR A 427 4.31 -0.82 21.19
N ASP A 428 5.45 -0.68 21.85
CA ASP A 428 5.42 -0.38 23.30
C ASP A 428 4.89 1.01 23.62
N ASP A 429 5.14 1.97 22.74
CA ASP A 429 4.50 3.27 22.96
C ASP A 429 2.99 3.18 22.90
N TRP A 430 2.47 2.43 21.95
CA TRP A 430 1.03 2.18 21.75
C TRP A 430 0.49 1.50 23.00
N LYS A 431 1.16 0.46 23.45
CA LYS A 431 0.67 -0.35 24.55
C LYS A 431 0.59 0.45 25.87
N ASP A 432 1.64 1.25 26.09
CA ASP A 432 1.72 2.10 27.26
C ASP A 432 0.56 3.11 27.26
N PHE A 433 0.29 3.74 26.13
CA PHE A 433 -0.82 4.70 26.01
C PHE A 433 -2.15 3.97 26.21
N LEU A 434 -2.30 2.77 25.64
CA LEU A 434 -3.55 2.04 25.91
C LEU A 434 -3.81 1.86 27.39
N TYR A 435 -2.78 1.45 28.15
CA TYR A 435 -2.87 1.24 29.60
C TYR A 435 -3.19 2.54 30.35
N SER A 436 -2.59 3.63 29.83
CA SER A 436 -2.86 4.93 30.48
C SER A 436 -4.31 5.34 30.31
N TYR A 437 -4.72 5.34 29.03
CA TYR A 437 -6.09 5.72 28.70
C TYR A 437 -7.10 4.87 29.47
N PHE A 438 -6.87 3.57 29.48
CA PHE A 438 -7.74 2.58 30.09
C PHE A 438 -7.25 2.25 31.48
N LYS A 439 -6.62 3.15 32.21
CA LYS A 439 -6.20 2.77 33.60
C LYS A 439 -7.26 2.17 34.52
N ASP A 440 -8.55 2.50 34.39
CA ASP A 440 -9.56 1.96 35.29
C ASP A 440 -10.15 0.62 34.85
N LYS A 441 -9.65 0.09 33.74
CA LYS A 441 -9.85 -1.23 33.20
C LYS A 441 -8.54 -2.02 33.09
N VAL A 442 -7.51 -1.73 33.90
CA VAL A 442 -6.25 -2.45 33.70
C VAL A 442 -6.44 -3.94 34.03
N ASP A 443 -7.33 -4.30 34.97
CA ASP A 443 -7.53 -5.74 35.23
C ASP A 443 -8.06 -6.46 34.00
N VAL A 444 -8.93 -5.83 33.21
CA VAL A 444 -9.29 -6.46 31.93
C VAL A 444 -8.09 -6.53 31.01
N LEU A 445 -7.35 -5.43 30.92
CA LEU A 445 -6.22 -5.43 30.00
C LEU A 445 -5.20 -6.52 30.35
N ASN A 446 -5.09 -6.74 31.66
CA ASN A 446 -4.14 -7.77 32.05
C ASN A 446 -4.61 -9.18 31.74
N GLN A 447 -5.86 -9.33 31.32
CA GLN A 447 -6.29 -10.63 30.86
C GLN A 447 -5.74 -10.95 29.46
N VAL A 448 -5.29 -9.92 28.76
CA VAL A 448 -4.82 -10.17 27.38
C VAL A 448 -3.53 -10.98 27.36
N ASP A 449 -3.42 -11.98 26.47
CA ASP A 449 -2.13 -12.69 26.39
C ASP A 449 -1.22 -11.90 25.50
N TRP A 450 -0.55 -10.88 25.99
CA TRP A 450 0.15 -9.96 25.12
C TRP A 450 1.27 -10.64 24.32
N ASN A 451 2.00 -11.56 25.02
CA ASN A 451 3.11 -12.17 24.24
C ASN A 451 2.65 -12.94 23.02
N ALA A 452 1.47 -13.61 23.22
CA ALA A 452 0.97 -14.39 22.07
C ALA A 452 0.49 -13.46 20.96
N TRP A 453 -0.34 -12.48 21.31
CA TRP A 453 -0.91 -11.57 20.28
C TRP A 453 0.20 -10.78 19.57
N LEU A 454 1.18 -10.27 20.29
CA LEU A 454 2.17 -9.40 19.64
C LEU A 454 3.34 -10.14 19.01
N TYR A 455 3.78 -11.28 19.63
CA TYR A 455 5.05 -11.83 19.25
C TYR A 455 5.01 -13.31 18.83
N SER A 456 3.87 -13.97 18.91
CA SER A 456 3.83 -15.37 18.51
C SER A 456 3.28 -15.60 17.09
N PRO A 457 3.75 -16.65 16.40
CA PRO A 457 3.19 -16.90 15.07
C PRO A 457 1.82 -17.55 15.16
N GLY A 458 1.14 -17.60 14.00
CA GLY A 458 -0.06 -18.35 13.86
C GLY A 458 -1.33 -17.54 14.09
N LEU A 459 -2.48 -18.28 14.22
CA LEU A 459 -3.72 -17.56 14.47
C LEU A 459 -3.64 -17.03 15.91
N PRO A 460 -4.28 -15.94 16.22
CA PRO A 460 -4.28 -15.35 17.55
C PRO A 460 -4.92 -16.26 18.57
N PRO A 461 -4.66 -16.05 19.85
CA PRO A 461 -5.09 -16.98 20.90
C PRO A 461 -6.58 -17.01 21.21
N ILE A 462 -7.27 -16.01 20.71
CA ILE A 462 -8.71 -15.85 20.92
C ILE A 462 -9.29 -15.09 19.72
N LYS A 463 -10.46 -15.56 19.28
CA LYS A 463 -11.27 -15.07 18.17
C LYS A 463 -12.40 -14.19 18.70
N PRO A 464 -12.48 -12.97 18.18
CA PRO A 464 -13.61 -12.10 18.59
C PRO A 464 -14.97 -12.72 18.30
N ASN A 465 -16.03 -12.08 18.78
CA ASN A 465 -17.43 -12.43 18.50
C ASN A 465 -17.91 -11.61 17.30
N TYR A 466 -18.56 -12.24 16.34
CA TYR A 466 -19.00 -11.57 15.12
C TYR A 466 -20.48 -11.84 14.86
N ASP A 467 -21.21 -10.78 14.55
CA ASP A 467 -22.54 -10.96 13.99
C ASP A 467 -22.47 -11.74 12.67
N MET A 468 -23.43 -12.64 12.50
CA MET A 468 -23.44 -13.53 11.34
C MET A 468 -24.49 -13.20 10.30
N THR A 469 -25.29 -12.16 10.51
CA THR A 469 -26.46 -12.02 9.66
C THR A 469 -26.20 -12.05 8.16
N LEU A 470 -25.23 -11.27 7.70
CA LEU A 470 -24.97 -11.19 6.25
C LEU A 470 -24.11 -12.33 5.74
N THR A 471 -23.45 -13.02 6.66
CA THR A 471 -22.54 -14.08 6.25
C THR A 471 -23.30 -15.37 6.04
N ASN A 472 -24.34 -15.67 6.78
CA ASN A 472 -25.01 -16.96 6.84
C ASN A 472 -25.39 -17.48 5.46
N ALA A 473 -25.93 -16.59 4.63
CA ALA A 473 -26.33 -17.05 3.28
C ALA A 473 -25.12 -17.43 2.44
N CYS A 474 -23.97 -16.82 2.64
CA CYS A 474 -22.74 -17.15 1.91
C CYS A 474 -22.24 -18.54 2.27
N ILE A 475 -22.20 -18.82 3.58
CA ILE A 475 -21.74 -20.12 4.07
C ILE A 475 -22.70 -21.23 3.62
N ALA A 476 -24.02 -20.93 3.75
CA ALA A 476 -24.99 -21.96 3.36
C ALA A 476 -24.88 -22.40 1.91
N LEU A 477 -24.76 -21.41 1.02
CA LEU A 477 -24.63 -21.75 -0.36
C LEU A 477 -23.33 -22.47 -0.70
N SER A 478 -22.24 -21.98 -0.09
CA SER A 478 -20.95 -22.68 -0.25
C SER A 478 -21.03 -24.13 0.16
N GLN A 479 -21.62 -24.37 1.33
CA GLN A 479 -21.76 -25.75 1.86
C GLN A 479 -22.68 -26.57 0.96
N ARG A 480 -23.72 -25.96 0.36
CA ARG A 480 -24.54 -26.75 -0.59
C ARG A 480 -23.66 -27.28 -1.75
N TRP A 481 -22.77 -26.44 -2.32
CA TRP A 481 -21.93 -26.81 -3.42
C TRP A 481 -20.91 -27.85 -2.99
N ILE A 482 -20.21 -27.66 -1.88
CA ILE A 482 -19.16 -28.60 -1.40
C ILE A 482 -19.78 -29.98 -1.13
N THR A 483 -20.95 -30.04 -0.56
CA THR A 483 -21.59 -31.30 -0.20
C THR A 483 -22.39 -31.88 -1.34
N ALA A 484 -22.58 -31.19 -2.45
CA ALA A 484 -23.34 -31.72 -3.58
C ALA A 484 -22.63 -32.91 -4.21
N LYS A 485 -23.40 -33.88 -4.66
CA LYS A 485 -22.94 -34.96 -5.52
C LYS A 485 -23.52 -34.62 -6.91
N GLU A 486 -23.14 -35.43 -7.91
CA GLU A 486 -23.58 -35.23 -9.30
C GLU A 486 -25.10 -35.07 -9.44
N ASP A 487 -25.86 -35.91 -8.73
CA ASP A 487 -27.32 -35.83 -8.86
C ASP A 487 -27.92 -34.62 -8.18
N ASP A 488 -27.17 -33.81 -7.43
CA ASP A 488 -27.69 -32.56 -6.86
C ASP A 488 -27.45 -31.33 -7.72
N LEU A 489 -26.61 -31.47 -8.74
CA LEU A 489 -26.15 -30.30 -9.53
C LEU A 489 -27.35 -29.63 -10.25
N ASN A 490 -28.33 -30.44 -10.66
CA ASN A 490 -29.52 -29.91 -11.35
C ASN A 490 -30.30 -28.95 -10.48
N SER A 491 -30.17 -29.06 -9.15
CA SER A 491 -30.96 -28.20 -8.28
C SER A 491 -30.50 -26.74 -8.29
N PHE A 492 -29.29 -26.46 -8.59
CA PHE A 492 -28.77 -25.08 -8.62
C PHE A 492 -29.34 -24.34 -9.81
N ASN A 493 -29.53 -23.05 -9.57
CA ASN A 493 -30.13 -22.14 -10.53
C ASN A 493 -29.76 -20.70 -10.23
N ALA A 494 -29.86 -19.88 -11.26
CA ALA A 494 -29.56 -18.45 -11.13
C ALA A 494 -30.30 -17.81 -9.96
N THR A 495 -31.49 -18.30 -9.66
CA THR A 495 -32.20 -17.68 -8.55
C THR A 495 -31.48 -17.77 -7.21
N ASP A 496 -30.53 -18.71 -7.09
CA ASP A 496 -29.80 -18.88 -5.85
C ASP A 496 -29.10 -17.60 -5.44
N LEU A 497 -28.80 -16.69 -6.36
CA LEU A 497 -28.00 -15.52 -6.13
C LEU A 497 -28.85 -14.27 -6.01
N LYS A 498 -30.18 -14.42 -6.13
CA LYS A 498 -30.99 -13.21 -6.27
C LYS A 498 -30.98 -12.28 -5.07
N ASP A 499 -30.78 -12.84 -3.90
CA ASP A 499 -30.75 -11.93 -2.79
C ASP A 499 -29.34 -11.70 -2.26
N LEU A 500 -28.34 -11.92 -3.11
CA LEU A 500 -26.97 -11.68 -2.67
C LEU A 500 -26.38 -10.38 -3.24
N SER A 501 -25.78 -9.55 -2.38
CA SER A 501 -25.02 -8.39 -2.87
C SER A 501 -23.68 -8.86 -3.53
N SER A 502 -23.04 -7.89 -4.22
CA SER A 502 -21.74 -8.23 -4.79
C SER A 502 -20.81 -8.68 -3.68
N HIS A 503 -20.88 -8.01 -2.54
CA HIS A 503 -20.02 -8.41 -1.41
C HIS A 503 -20.28 -9.83 -0.97
N GLN A 504 -21.55 -10.24 -0.93
CA GLN A 504 -21.92 -11.61 -0.55
C GLN A 504 -21.52 -12.59 -1.62
N LEU A 505 -21.63 -12.24 -2.89
CA LEU A 505 -21.15 -13.19 -3.91
C LEU A 505 -19.63 -13.44 -3.78
N ASN A 506 -18.92 -12.35 -3.54
CA ASN A 506 -17.49 -12.51 -3.28
C ASN A 506 -17.16 -13.40 -2.09
N GLU A 507 -17.89 -13.24 -0.96
CA GLU A 507 -17.66 -14.07 0.20
C GLU A 507 -18.07 -15.53 -0.07
N PHE A 508 -19.14 -15.80 -0.81
CA PHE A 508 -19.46 -17.15 -1.26
C PHE A 508 -18.31 -17.78 -2.02
N LEU A 509 -17.71 -17.00 -2.95
CA LEU A 509 -16.55 -17.59 -3.61
C LEU A 509 -15.36 -17.74 -2.69
N ALA A 510 -15.10 -16.78 -1.76
CA ALA A 510 -14.01 -17.00 -0.81
C ALA A 510 -14.19 -18.25 0.02
N GLN A 511 -15.40 -18.48 0.51
CA GLN A 511 -15.66 -19.67 1.31
C GLN A 511 -15.38 -20.96 0.55
N THR A 512 -15.80 -20.97 -0.72
CA THR A 512 -15.68 -22.11 -1.63
C THR A 512 -14.21 -22.33 -2.01
N LEU A 513 -13.50 -21.24 -2.32
CA LEU A 513 -12.07 -21.35 -2.60
C LEU A 513 -11.26 -21.92 -1.46
N GLN A 514 -11.66 -21.69 -0.24
CA GLN A 514 -10.94 -22.27 0.92
C GLN A 514 -10.99 -23.80 0.94
N ARG A 515 -11.91 -24.39 0.20
CA ARG A 515 -12.04 -25.84 0.16
C ARG A 515 -11.69 -26.37 -1.23
N ALA A 516 -11.09 -25.55 -2.10
CA ALA A 516 -10.71 -26.04 -3.42
C ALA A 516 -9.54 -27.03 -3.39
N PRO A 517 -9.51 -27.92 -4.41
CA PRO A 517 -10.43 -28.02 -5.58
C PRO A 517 -11.82 -28.54 -5.29
N LEU A 518 -12.80 -28.21 -6.07
CA LEU A 518 -14.06 -28.95 -6.19
C LEU A 518 -13.99 -29.80 -7.47
N PRO A 519 -14.91 -30.76 -7.59
CA PRO A 519 -14.97 -31.56 -8.83
C PRO A 519 -15.16 -30.68 -10.05
N LEU A 520 -14.56 -31.03 -11.18
CA LEU A 520 -14.63 -30.24 -12.39
C LEU A 520 -16.06 -30.06 -12.84
N GLY A 521 -16.85 -31.12 -12.72
CA GLY A 521 -18.28 -30.98 -13.11
C GLY A 521 -19.04 -30.00 -12.25
N HIS A 522 -18.64 -29.81 -10.99
CA HIS A 522 -19.30 -28.78 -10.17
C HIS A 522 -18.98 -27.39 -10.70
N ILE A 523 -17.72 -27.12 -11.01
CA ILE A 523 -17.32 -25.82 -11.51
C ILE A 523 -17.96 -25.54 -12.85
N LYS A 524 -18.05 -26.52 -13.74
CA LYS A 524 -18.72 -26.28 -15.01
C LYS A 524 -20.18 -25.93 -14.76
N ARG A 525 -20.81 -26.63 -13.81
CA ARG A 525 -22.22 -26.29 -13.51
C ARG A 525 -22.34 -24.86 -13.00
N MET A 526 -21.42 -24.45 -12.12
CA MET A 526 -21.46 -23.10 -11.64
C MET A 526 -21.46 -22.03 -12.74
N GLN A 527 -20.57 -22.21 -13.75
CA GLN A 527 -20.58 -21.28 -14.89
C GLN A 527 -21.90 -21.39 -15.67
N GLU A 528 -22.48 -22.59 -15.82
CA GLU A 528 -23.72 -22.77 -16.56
C GLU A 528 -24.87 -22.04 -15.88
N VAL A 529 -24.98 -22.12 -14.57
CA VAL A 529 -26.15 -21.46 -13.95
C VAL A 529 -25.86 -20.07 -13.38
N TYR A 530 -24.64 -19.71 -13.05
CA TYR A 530 -24.37 -18.40 -12.44
C TYR A 530 -23.66 -17.46 -13.39
N ASN A 531 -23.09 -17.97 -14.49
CA ASN A 531 -22.37 -17.12 -15.49
C ASN A 531 -21.36 -16.17 -14.83
N PHE A 532 -20.51 -16.67 -13.93
CA PHE A 532 -19.45 -15.87 -13.32
C PHE A 532 -18.43 -15.39 -14.34
N ASN A 533 -18.28 -16.07 -15.51
CA ASN A 533 -17.33 -15.54 -16.52
C ASN A 533 -17.78 -14.16 -16.93
N ALA A 534 -19.03 -13.76 -16.78
CA ALA A 534 -19.48 -12.44 -17.23
C ALA A 534 -19.23 -11.31 -16.24
N ILE A 535 -18.82 -11.68 -15.01
CA ILE A 535 -18.62 -10.60 -14.02
C ILE A 535 -17.25 -9.93 -14.15
N ASN A 536 -17.28 -8.61 -14.22
CA ASN A 536 -16.05 -7.82 -14.33
C ASN A 536 -15.54 -7.25 -13.03
N ASN A 537 -16.25 -7.34 -11.95
CA ASN A 537 -15.80 -6.95 -10.61
C ASN A 537 -14.49 -7.61 -10.33
N SER A 538 -13.39 -6.93 -10.16
CA SER A 538 -12.10 -7.64 -10.13
C SER A 538 -11.91 -8.58 -8.97
N GLU A 539 -12.47 -8.26 -7.83
CA GLU A 539 -12.39 -9.18 -6.67
C GLU A 539 -13.12 -10.48 -6.90
N ILE A 540 -14.32 -10.41 -7.46
CA ILE A 540 -15.12 -11.60 -7.77
C ILE A 540 -14.45 -12.39 -8.90
N ARG A 541 -14.01 -11.72 -9.95
CA ARG A 541 -13.38 -12.48 -11.07
C ARG A 541 -12.11 -13.21 -10.66
N PHE A 542 -11.31 -12.50 -9.86
CA PHE A 542 -10.06 -13.09 -9.32
C PHE A 542 -10.39 -14.39 -8.57
N ARG A 543 -11.36 -14.35 -7.63
CA ARG A 543 -11.58 -15.61 -6.86
C ARG A 543 -12.18 -16.74 -7.67
N TRP A 544 -13.07 -16.38 -8.59
CA TRP A 544 -13.66 -17.34 -9.52
C TRP A 544 -12.61 -18.01 -10.38
N LEU A 545 -11.67 -17.20 -10.92
CA LEU A 545 -10.65 -17.81 -11.78
C LEU A 545 -9.68 -18.64 -10.97
N ARG A 546 -9.34 -18.19 -9.75
CA ARG A 546 -8.56 -19.12 -8.90
C ARG A 546 -9.29 -20.47 -8.66
N LEU A 547 -10.57 -20.41 -8.40
CA LEU A 547 -11.36 -21.64 -8.16
C LEU A 547 -11.36 -22.57 -9.37
N CYS A 548 -11.48 -21.95 -10.52
CA CYS A 548 -11.46 -22.69 -11.81
C CYS A 548 -10.12 -23.34 -12.09
N ILE A 549 -9.00 -22.60 -11.94
CA ILE A 549 -7.68 -23.19 -12.19
C ILE A 549 -7.35 -24.21 -11.11
N GLN A 550 -7.61 -23.95 -9.82
CA GLN A 550 -7.29 -24.98 -8.82
C GLN A 550 -8.11 -26.25 -9.02
N SER A 551 -9.29 -26.11 -9.63
CA SER A 551 -10.18 -27.22 -9.93
C SER A 551 -9.93 -27.83 -11.32
N LYS A 552 -8.85 -27.39 -11.98
CA LYS A 552 -8.31 -28.04 -13.19
C LYS A 552 -9.15 -27.89 -14.43
N TRP A 553 -9.83 -26.71 -14.55
CA TRP A 553 -10.63 -26.42 -15.73
C TRP A 553 -9.77 -25.75 -16.81
N GLU A 554 -9.43 -26.47 -17.89
CA GLU A 554 -8.54 -25.91 -18.88
C GLU A 554 -9.10 -24.68 -19.59
N ASP A 555 -10.41 -24.57 -19.70
CA ASP A 555 -10.97 -23.41 -20.37
C ASP A 555 -10.68 -22.09 -19.68
N ALA A 556 -10.43 -22.13 -18.41
CA ALA A 556 -10.08 -20.98 -17.57
C ALA A 556 -8.63 -20.52 -17.76
N ILE A 557 -7.80 -21.34 -18.41
CA ILE A 557 -6.38 -20.94 -18.51
C ILE A 557 -6.22 -19.63 -19.22
N PRO A 558 -6.74 -19.43 -20.43
CA PRO A 558 -6.58 -18.14 -21.11
C PRO A 558 -7.21 -16.98 -20.33
N LEU A 559 -8.31 -17.21 -19.65
CA LEU A 559 -8.90 -16.12 -18.91
C LEU A 559 -7.99 -15.69 -17.75
N ALA A 560 -7.37 -16.65 -17.07
CA ALA A 560 -6.50 -16.34 -15.95
C ALA A 560 -5.19 -15.69 -16.41
N LEU A 561 -4.64 -16.18 -17.53
CA LEU A 561 -3.44 -15.52 -18.12
C LEU A 561 -3.69 -14.07 -18.48
N LYS A 562 -4.87 -13.87 -19.09
CA LYS A 562 -5.20 -12.50 -19.48
C LYS A 562 -5.35 -11.58 -18.30
N MET A 563 -6.11 -11.96 -17.26
CA MET A 563 -6.23 -11.10 -16.04
C MET A 563 -4.86 -10.87 -15.40
N ALA A 564 -4.03 -11.94 -15.35
CA ALA A 564 -2.73 -11.84 -14.70
C ALA A 564 -1.80 -10.81 -15.33
N THR A 565 -1.95 -10.60 -16.64
CA THR A 565 -1.06 -9.73 -17.43
C THR A 565 -1.67 -8.41 -17.84
N GLU A 566 -2.97 -8.33 -18.00
CA GLU A 566 -3.58 -7.07 -18.46
C GLU A 566 -3.77 -6.06 -17.32
N GLN A 567 -3.58 -6.47 -16.07
CA GLN A 567 -3.38 -5.61 -14.93
C GLN A 567 -2.21 -6.23 -14.15
N GLY A 568 -1.79 -5.47 -13.13
CA GLY A 568 -0.64 -5.85 -12.33
C GLY A 568 -0.78 -5.62 -10.87
N ARG A 569 -2.01 -5.48 -10.38
CA ARG A 569 -2.17 -5.40 -8.90
C ARG A 569 -1.63 -6.69 -8.30
N MET A 570 -0.68 -6.65 -7.38
CA MET A 570 -0.04 -7.93 -6.99
C MET A 570 -0.97 -8.91 -6.31
N LYS A 571 -1.95 -8.39 -5.54
CA LYS A 571 -3.01 -9.20 -4.95
C LYS A 571 -3.64 -10.18 -5.92
N PHE A 572 -3.72 -9.74 -7.19
CA PHE A 572 -4.34 -10.58 -8.25
C PHE A 572 -3.28 -11.28 -9.10
N THR A 573 -2.29 -10.53 -9.60
CA THR A 573 -1.29 -11.15 -10.46
C THR A 573 -0.46 -12.23 -9.77
N ARG A 574 -0.01 -12.00 -8.51
CA ARG A 574 0.83 -13.08 -7.96
C ARG A 574 0.10 -14.39 -7.79
N PRO A 575 -1.07 -14.46 -7.16
CA PRO A 575 -1.73 -15.78 -7.02
C PRO A 575 -2.22 -16.37 -8.31
N LEU A 576 -2.60 -15.55 -9.28
CA LEU A 576 -3.00 -16.13 -10.57
C LEU A 576 -1.80 -16.82 -11.23
N PHE A 577 -0.66 -16.16 -11.30
CA PHE A 577 0.52 -16.83 -11.85
C PHE A 577 0.90 -18.08 -11.03
N LYS A 578 0.78 -18.01 -9.68
CA LYS A 578 1.17 -19.20 -8.90
C LYS A 578 0.25 -20.39 -9.15
N ASP A 579 -1.04 -20.06 -9.24
CA ASP A 579 -2.00 -21.12 -9.49
C ASP A 579 -1.82 -21.68 -10.87
N LEU A 580 -1.58 -20.84 -11.88
CA LEU A 580 -1.27 -21.37 -13.24
C LEU A 580 0.02 -22.21 -13.28
N ALA A 581 1.01 -21.83 -12.44
CA ALA A 581 2.24 -22.64 -12.47
C ALA A 581 2.02 -23.98 -11.83
N ALA A 582 1.10 -24.05 -10.89
CA ALA A 582 0.88 -25.30 -10.19
C ALA A 582 -0.02 -26.29 -10.93
N PHE A 583 -0.72 -25.81 -11.92
CA PHE A 583 -1.58 -26.65 -12.79
C PHE A 583 -0.72 -27.18 -13.94
N ASP A 584 -0.54 -28.50 -13.99
CA ASP A 584 0.42 -28.99 -14.97
C ASP A 584 0.09 -28.55 -16.39
N LYS A 585 -1.21 -28.45 -16.77
CA LYS A 585 -1.63 -28.13 -18.12
C LYS A 585 -1.19 -26.71 -18.51
N SER A 586 -1.07 -25.81 -17.53
CA SER A 586 -0.79 -24.41 -17.81
C SER A 586 0.62 -24.04 -17.38
N HIS A 587 1.36 -24.97 -16.74
CA HIS A 587 2.63 -24.57 -16.16
C HIS A 587 3.61 -23.89 -17.12
N ASP A 588 3.84 -24.55 -18.29
CA ASP A 588 4.89 -24.08 -19.17
C ASP A 588 4.53 -22.74 -19.76
N GLN A 589 3.26 -22.59 -20.08
CA GLN A 589 2.80 -21.29 -20.59
C GLN A 589 2.86 -20.21 -19.53
N ALA A 590 2.58 -20.53 -18.27
CA ALA A 590 2.68 -19.49 -17.22
C ALA A 590 4.07 -18.89 -17.17
N VAL A 591 5.03 -19.85 -17.16
CA VAL A 591 6.42 -19.41 -17.05
C VAL A 591 6.76 -18.69 -18.34
N ARG A 592 6.41 -19.15 -19.53
CA ARG A 592 6.82 -18.42 -20.75
C ARG A 592 6.21 -17.01 -20.79
N THR A 593 4.95 -16.91 -20.33
CA THR A 593 4.26 -15.61 -20.27
C THR A 593 4.95 -14.67 -19.28
N TYR A 594 5.31 -15.09 -18.08
CA TYR A 594 6.12 -14.25 -17.19
C TYR A 594 7.40 -13.81 -17.88
N GLN A 595 8.13 -14.72 -18.52
CA GLN A 595 9.40 -14.33 -19.11
C GLN A 595 9.25 -13.28 -20.21
N GLU A 596 8.17 -13.44 -20.95
CA GLU A 596 7.94 -12.53 -22.07
C GLU A 596 7.59 -11.13 -21.55
N HIS A 597 6.84 -11.10 -20.45
CA HIS A 597 6.38 -9.82 -19.92
C HIS A 597 7.28 -9.11 -18.92
N LYS A 598 8.28 -9.81 -18.40
CA LYS A 598 9.11 -9.39 -17.24
C LYS A 598 9.68 -8.01 -17.45
N ALA A 599 10.21 -7.76 -18.64
CA ALA A 599 10.94 -6.52 -18.88
C ALA A 599 10.04 -5.32 -18.81
N SER A 600 8.75 -5.58 -19.03
CA SER A 600 7.83 -4.43 -19.08
C SER A 600 6.87 -4.39 -17.86
N MET A 601 7.21 -5.21 -16.84
CA MET A 601 6.45 -5.19 -15.60
C MET A 601 7.00 -4.14 -14.64
N HIS A 602 6.23 -3.84 -13.60
CA HIS A 602 6.72 -3.09 -12.43
C HIS A 602 7.94 -3.81 -11.84
N PRO A 603 9.01 -3.12 -11.47
CA PRO A 603 10.22 -3.83 -11.02
C PRO A 603 9.95 -4.66 -9.77
N VAL A 604 9.12 -4.21 -8.84
CA VAL A 604 8.92 -5.03 -7.63
C VAL A 604 8.02 -6.20 -7.91
N THR A 605 6.98 -6.01 -8.69
CA THR A 605 6.12 -7.12 -9.09
C THR A 605 6.90 -8.14 -9.90
N ALA A 606 7.80 -7.70 -10.79
CA ALA A 606 8.60 -8.70 -11.52
C ALA A 606 9.47 -9.55 -10.63
N MET A 607 10.07 -8.90 -9.62
CA MET A 607 10.87 -9.66 -8.68
C MET A 607 10.05 -10.66 -7.92
N LEU A 608 8.93 -10.24 -7.39
CA LEU A 608 8.15 -11.13 -6.55
C LEU A 608 7.48 -12.26 -7.33
N VAL A 609 6.96 -11.99 -8.54
CA VAL A 609 6.44 -13.12 -9.39
C VAL A 609 7.56 -14.12 -9.72
N GLY A 610 8.76 -13.62 -10.02
CA GLY A 610 9.88 -14.56 -10.28
C GLY A 610 10.17 -15.44 -9.08
N LYS A 611 10.16 -14.83 -7.87
CA LYS A 611 10.40 -15.62 -6.68
C LYS A 611 9.28 -16.66 -6.54
N ASP A 612 8.05 -16.25 -6.75
CA ASP A 612 6.90 -17.12 -6.55
C ASP A 612 6.96 -18.34 -7.46
N LEU A 613 7.44 -18.06 -8.66
CA LEU A 613 7.51 -19.15 -9.67
C LEU A 613 8.80 -19.95 -9.67
N LYS A 614 9.75 -19.56 -8.82
CA LYS A 614 11.11 -20.08 -8.78
C LYS A 614 11.82 -19.92 -10.13
N VAL A 615 11.57 -18.80 -10.78
CA VAL A 615 12.09 -18.51 -12.10
C VAL A 615 13.02 -17.30 -11.96
N ASP A 616 14.31 -17.47 -11.98
CA ASP A 616 15.25 -16.37 -11.71
C ASP A 616 15.66 -15.59 -12.96
N ARG B 1 -1.37 1.24 3.10
CA ARG B 1 -1.69 0.93 1.71
C ARG B 1 -2.65 -0.26 1.75
N SER B 2 -3.42 -0.43 0.66
CA SER B 2 -4.22 -1.62 0.48
C SER B 2 -3.55 -2.58 -0.49
N ARG B 3 -3.65 -3.89 -0.15
CA ARG B 3 -3.30 -4.89 -1.16
C ARG B 3 -4.24 -4.66 -2.32
#